data_4ZRA
#
_entry.id   4ZRA
#
_cell.length_a   95.677
_cell.length_b   71.593
_cell.length_c   61.894
_cell.angle_alpha   90.000
_cell.angle_beta   106.550
_cell.angle_gamma   90.000
#
_symmetry.space_group_name_H-M   'C 1 2 1'
#
loop_
_entity.id
_entity.type
_entity.pdbx_description
1 polymer 'Lipoprotein LprG'
2 non-polymer Tripalmitoylglycerol
3 water water
#
_entity_poly.entity_id   1
_entity_poly.type   'polypeptide(L)'
_entity_poly.pdbx_seq_one_letter_code
;MHHHHHHGPLPDAKPLVEEATAQTKALKSAHMVLTVNGKIPGLSLKTLSGDLTTNPTAATGNVKLTLGGSDIDADFVVFD
GILYATLTPNQWSDFGPAADIYDPAQVLNPDTGLANVLANFADAKAEGRDTINGQNTIRISGKVSAQAVNQIAPPFNATQ
PVPATVWIQETGDHQLAQAQLDRGSGNSVQMTLSKWGEKVQVT
;
_entity_poly.pdbx_strand_id   A,C
#
loop_
_chem_comp.id
_chem_comp.type
_chem_comp.name
_chem_comp.formula
4RF non-polymer Tripalmitoylglycerol 'C51 H98 O6'
#
# COMPACT_ATOMS: atom_id res chain seq x y z
N GLY A 8 21.36 9.44 -11.57
CA GLY A 8 22.54 8.90 -12.34
C GLY A 8 22.23 7.80 -13.33
N PRO A 9 23.27 7.23 -13.96
CA PRO A 9 23.03 6.24 -15.00
C PRO A 9 22.23 5.02 -14.47
N LEU A 10 21.52 4.39 -15.37
CA LEU A 10 20.82 3.19 -15.07
C LEU A 10 21.68 1.97 -15.38
N PRO A 11 21.60 0.91 -14.52
CA PRO A 11 22.19 -0.34 -14.95
C PRO A 11 21.56 -0.87 -16.20
N ASP A 12 22.28 -1.81 -16.80
CA ASP A 12 21.83 -2.63 -17.89
C ASP A 12 20.74 -3.55 -17.29
N ALA A 13 19.58 -3.52 -17.91
CA ALA A 13 18.46 -4.41 -17.46
C ALA A 13 18.79 -5.90 -17.58
N LYS A 14 19.56 -6.32 -18.57
CA LYS A 14 19.58 -7.75 -18.89
C LYS A 14 20.20 -8.58 -17.75
N PRO A 15 21.30 -8.14 -17.19
CA PRO A 15 21.87 -8.89 -16.07
C PRO A 15 21.02 -8.85 -14.84
N LEU A 16 20.32 -7.74 -14.67
CA LEU A 16 19.37 -7.59 -13.57
C LEU A 16 18.22 -8.54 -13.72
N VAL A 17 17.65 -8.65 -14.93
CA VAL A 17 16.60 -9.64 -15.12
C VAL A 17 17.16 -11.07 -14.83
N GLU A 18 18.35 -11.37 -15.31
CA GLU A 18 18.92 -12.72 -15.10
C GLU A 18 19.09 -13.00 -13.59
N GLU A 19 19.58 -12.00 -12.89
CA GLU A 19 19.76 -12.17 -11.45
C GLU A 19 18.45 -12.33 -10.70
N ALA A 20 17.48 -11.49 -11.03
CA ALA A 20 16.17 -11.67 -10.47
C ALA A 20 15.52 -13.01 -10.79
N THR A 21 15.80 -13.54 -11.98
CA THR A 21 15.26 -14.87 -12.33
C THR A 21 15.79 -15.91 -11.32
N ALA A 22 17.06 -15.90 -11.09
CA ALA A 22 17.73 -16.86 -10.18
C ALA A 22 17.23 -16.70 -8.76
N GLN A 23 17.13 -15.44 -8.28
CA GLN A 23 16.60 -15.22 -6.97
C GLN A 23 15.18 -15.68 -6.79
N THR A 24 14.34 -15.44 -7.80
CA THR A 24 12.97 -15.85 -7.71
C THR A 24 12.85 -17.37 -7.69
N LYS A 25 13.65 -18.06 -8.47
CA LYS A 25 13.65 -19.55 -8.47
C LYS A 25 13.95 -20.14 -7.14
N ALA A 26 14.77 -19.44 -6.37
CA ALA A 26 15.12 -19.89 -5.02
C ALA A 26 14.06 -19.57 -3.95
N LEU A 27 13.00 -18.80 -4.25
CA LEU A 27 12.05 -18.37 -3.25
C LEU A 27 11.17 -19.48 -2.74
N LYS A 28 10.97 -19.50 -1.44
CA LYS A 28 9.99 -20.37 -0.80
C LYS A 28 8.73 -19.66 -0.42
N SER A 29 8.82 -18.39 0.02
CA SER A 29 7.73 -17.67 0.49
C SER A 29 7.84 -16.14 0.25
N ALA A 30 6.70 -15.50 0.28
CA ALA A 30 6.56 -14.04 0.12
C ALA A 30 5.23 -13.53 0.49
N HIS A 31 5.14 -12.21 0.75
CA HIS A 31 3.93 -11.49 0.87
C HIS A 31 3.64 -10.91 -0.57
N MET A 32 2.39 -10.99 -0.94
CA MET A 32 1.97 -10.53 -2.24
C MET A 32 0.76 -9.64 -2.21
N VAL A 33 0.81 -8.57 -3.03
CA VAL A 33 -0.31 -7.74 -3.21
C VAL A 33 -0.65 -7.68 -4.67
N LEU A 34 -1.88 -8.05 -5.03
CA LEU A 34 -2.25 -8.21 -6.40
C LEU A 34 -3.40 -7.27 -6.67
N THR A 35 -3.31 -6.55 -7.80
CA THR A 35 -4.37 -5.62 -8.13
C THR A 35 -4.74 -5.80 -9.59
N VAL A 36 -6.01 -5.90 -9.87
CA VAL A 36 -6.46 -5.92 -11.27
C VAL A 36 -7.05 -4.55 -11.62
N ASN A 37 -6.51 -3.93 -12.66
CA ASN A 37 -6.95 -2.61 -13.06
C ASN A 37 -7.80 -2.85 -14.30
N GLY A 38 -8.94 -2.19 -14.35
CA GLY A 38 -9.88 -2.38 -15.45
C GLY A 38 -10.56 -3.71 -15.38
N LYS A 39 -10.68 -4.39 -16.53
CA LYS A 39 -11.43 -5.63 -16.57
C LYS A 39 -10.71 -6.64 -17.44
N ILE A 40 -10.42 -7.78 -16.84
CA ILE A 40 -9.80 -8.88 -17.55
C ILE A 40 -10.83 -10.01 -17.54
N PRO A 41 -11.34 -10.34 -18.69
CA PRO A 41 -12.41 -11.36 -18.83
C PRO A 41 -12.04 -12.65 -18.12
N GLY A 42 -12.96 -13.20 -17.33
CA GLY A 42 -12.68 -14.46 -16.62
C GLY A 42 -11.81 -14.31 -15.38
N LEU A 43 -11.52 -13.06 -15.02
CA LEU A 43 -10.89 -12.76 -13.76
C LEU A 43 -11.81 -11.87 -12.98
N SER A 44 -12.46 -12.40 -11.96
CA SER A 44 -13.36 -11.58 -11.21
C SER A 44 -12.68 -10.96 -9.97
N LEU A 45 -11.37 -11.11 -9.88
CA LEU A 45 -10.67 -10.57 -8.70
C LEU A 45 -10.45 -9.08 -8.92
N LYS A 46 -10.54 -8.22 -7.88
CA LYS A 46 -10.09 -6.82 -7.97
C LYS A 46 -8.81 -6.61 -7.27
N THR A 47 -8.71 -7.08 -6.02
CA THR A 47 -7.46 -7.00 -5.25
C THR A 47 -7.28 -8.23 -4.39
N LEU A 48 -6.05 -8.47 -3.98
CA LEU A 48 -5.72 -9.48 -3.01
C LEU A 48 -4.48 -9.12 -2.29
N SER A 49 -4.40 -9.46 -1.04
CA SER A 49 -3.19 -9.24 -0.33
C SER A 49 -3.01 -10.44 0.59
N GLY A 50 -1.82 -10.98 0.61
CA GLY A 50 -1.67 -12.28 1.33
C GLY A 50 -0.30 -12.75 1.46
N ASP A 51 -0.16 -13.92 2.11
CA ASP A 51 1.10 -14.51 2.35
C ASP A 51 1.10 -15.92 1.82
N LEU A 52 2.16 -16.26 1.09
CA LEU A 52 2.31 -17.54 0.39
C LEU A 52 3.55 -18.22 0.84
N THR A 53 3.44 -19.52 1.18
CA THR A 53 4.59 -20.33 1.34
C THR A 53 4.44 -21.60 0.45
N THR A 54 5.53 -22.25 0.14
CA THR A 54 5.52 -23.39 -0.82
C THR A 54 6.40 -24.54 -0.21
N ASN A 55 6.08 -25.75 -0.64
CA ASN A 55 6.86 -26.96 -0.19
C ASN A 55 6.85 -27.05 1.35
N PRO A 56 5.69 -27.22 1.94
CA PRO A 56 4.38 -27.34 1.32
C PRO A 56 3.65 -25.98 1.10
N THR A 57 2.65 -26.04 0.23
CA THR A 57 1.86 -24.92 -0.13
C THR A 57 0.87 -24.51 0.94
N ALA A 58 0.98 -23.28 1.41
CA ALA A 58 -0.08 -22.72 2.23
C ALA A 58 -0.20 -21.21 1.90
N ALA A 59 -1.35 -20.65 2.08
CA ALA A 59 -1.55 -19.23 1.82
C ALA A 59 -2.62 -18.71 2.74
N THR A 60 -2.54 -17.42 3.10
CA THR A 60 -3.61 -16.80 3.87
C THR A 60 -3.65 -15.33 3.44
N GLY A 61 -4.81 -14.76 3.52
CA GLY A 61 -4.96 -13.32 3.19
C GLY A 61 -6.37 -12.88 3.00
N ASN A 62 -6.55 -11.80 2.25
CA ASN A 62 -7.82 -11.25 1.99
C ASN A 62 -7.95 -10.92 0.50
N VAL A 63 -9.17 -11.01 0.05
CA VAL A 63 -9.45 -10.80 -1.37
C VAL A 63 -10.68 -9.97 -1.50
N LYS A 64 -10.70 -9.10 -2.52
CA LYS A 64 -11.92 -8.43 -2.92
C LYS A 64 -12.28 -8.99 -4.26
N LEU A 65 -13.43 -9.58 -4.39
CA LEU A 65 -13.78 -10.13 -5.69
C LEU A 65 -15.21 -9.81 -6.05
N THR A 66 -15.53 -9.98 -7.31
CA THR A 66 -16.87 -9.69 -7.79
C THR A 66 -17.53 -11.06 -7.97
N LEU A 67 -18.67 -11.24 -7.29
CA LEU A 67 -19.58 -12.33 -7.61
C LEU A 67 -20.99 -11.80 -7.80
N GLY A 68 -21.61 -12.22 -8.90
CA GLY A 68 -22.89 -11.67 -9.35
C GLY A 68 -22.99 -10.17 -9.25
N GLY A 69 -22.16 -9.46 -10.02
CA GLY A 69 -22.24 -7.99 -10.07
C GLY A 69 -22.01 -7.27 -8.75
N SER A 70 -21.56 -7.98 -7.71
CA SER A 70 -21.34 -7.36 -6.39
C SER A 70 -19.90 -7.61 -5.88
N ASP A 71 -19.25 -6.59 -5.35
CA ASP A 71 -17.93 -6.79 -4.73
C ASP A 71 -18.02 -7.34 -3.29
N ILE A 72 -17.35 -8.46 -3.06
CA ILE A 72 -17.33 -9.14 -1.74
C ILE A 72 -15.93 -9.08 -1.14
N ASP A 73 -15.79 -8.69 0.11
CA ASP A 73 -14.47 -8.72 0.73
C ASP A 73 -14.43 -10.07 1.45
N ALA A 74 -13.38 -10.86 1.31
CA ALA A 74 -13.33 -12.20 2.00
C ALA A 74 -11.96 -12.45 2.52
N ASP A 75 -11.84 -13.19 3.63
CA ASP A 75 -10.54 -13.73 4.05
C ASP A 75 -10.44 -15.10 3.34
N PHE A 76 -9.21 -15.59 3.11
CA PHE A 76 -9.02 -16.92 2.45
C PHE A 76 -7.82 -17.61 3.11
N VAL A 77 -7.91 -18.93 3.10
CA VAL A 77 -6.83 -19.80 3.50
C VAL A 77 -6.73 -20.90 2.48
N VAL A 78 -5.50 -21.23 2.08
CA VAL A 78 -5.24 -22.47 1.34
C VAL A 78 -4.42 -23.31 2.22
N PHE A 79 -4.96 -24.49 2.56
CA PHE A 79 -4.22 -25.40 3.45
C PHE A 79 -4.50 -26.86 3.08
N ASP A 80 -3.45 -27.62 2.89
CA ASP A 80 -3.57 -29.06 2.56
C ASP A 80 -4.32 -29.28 1.25
N GLY A 81 -4.03 -28.44 0.25
CA GLY A 81 -4.71 -28.45 -1.02
C GLY A 81 -6.09 -27.86 -1.12
N ILE A 82 -6.70 -27.44 0.00
CA ILE A 82 -8.06 -27.02 0.06
C ILE A 82 -8.18 -25.47 0.20
N LEU A 83 -9.07 -24.92 -0.57
CA LEU A 83 -9.38 -23.45 -0.46
C LEU A 83 -10.60 -23.22 0.39
N TYR A 84 -10.41 -22.34 1.35
CA TYR A 84 -11.48 -21.86 2.22
C TYR A 84 -11.57 -20.35 2.12
N ALA A 85 -12.77 -19.83 2.31
CA ALA A 85 -12.97 -18.36 2.32
C ALA A 85 -14.22 -17.95 3.08
N THR A 86 -14.22 -16.73 3.60
CA THR A 86 -15.35 -16.26 4.40
C THR A 86 -16.14 -15.32 3.48
N LEU A 87 -17.08 -15.88 2.78
CA LEU A 87 -17.93 -15.10 1.94
C LEU A 87 -18.95 -14.29 2.73
N THR A 88 -19.30 -14.74 3.93
CA THR A 88 -19.96 -13.88 4.90
C THR A 88 -19.05 -13.86 6.12
N PRO A 89 -19.12 -12.78 6.91
CA PRO A 89 -18.15 -12.52 7.97
C PRO A 89 -18.08 -13.65 9.00
N ASN A 90 -16.84 -14.08 9.27
CA ASN A 90 -16.51 -15.12 10.29
C ASN A 90 -17.16 -16.45 10.01
N GLN A 91 -17.54 -16.66 8.76
CA GLN A 91 -18.13 -17.91 8.33
C GLN A 91 -17.24 -18.55 7.24
N TRP A 92 -16.59 -19.64 7.58
CA TRP A 92 -15.64 -20.27 6.63
C TRP A 92 -16.34 -21.25 5.71
N SER A 93 -16.30 -21.02 4.44
CA SER A 93 -16.79 -22.03 3.51
C SER A 93 -15.61 -22.77 2.90
N ASP A 94 -15.82 -24.04 2.66
CA ASP A 94 -14.83 -24.95 2.01
C ASP A 94 -15.16 -25.06 0.54
N PHE A 95 -14.24 -24.65 -0.33
CA PHE A 95 -14.49 -24.58 -1.78
C PHE A 95 -13.83 -25.72 -2.55
N GLY A 96 -13.39 -26.72 -1.82
CA GLY A 96 -12.71 -27.87 -2.37
C GLY A 96 -11.28 -27.57 -2.78
N PRO A 97 -10.68 -28.48 -3.54
CA PRO A 97 -9.35 -28.39 -4.04
C PRO A 97 -9.00 -27.01 -4.64
N ALA A 98 -7.96 -26.37 -4.10
CA ALA A 98 -7.56 -25.02 -4.58
C ALA A 98 -7.14 -25.05 -6.05
N ALA A 99 -6.56 -26.17 -6.46
CA ALA A 99 -6.09 -26.41 -7.82
C ALA A 99 -7.17 -26.34 -8.88
N ASP A 100 -8.42 -26.59 -8.50
CA ASP A 100 -9.55 -26.45 -9.43
C ASP A 100 -9.98 -25.04 -9.68
N ILE A 101 -9.50 -24.12 -8.84
CA ILE A 101 -9.69 -22.73 -9.05
C ILE A 101 -8.37 -22.08 -9.50
N TYR A 102 -7.41 -21.98 -8.58
CA TYR A 102 -6.06 -21.64 -8.95
C TYR A 102 -5.17 -22.04 -7.80
N ASP A 103 -4.19 -22.90 -8.03
CA ASP A 103 -3.24 -23.22 -6.95
C ASP A 103 -2.26 -22.08 -6.78
N PRO A 104 -2.30 -21.37 -5.60
CA PRO A 104 -1.43 -20.20 -5.47
C PRO A 104 0.06 -20.54 -5.55
N ALA A 105 0.50 -21.79 -5.33
CA ALA A 105 1.92 -22.12 -5.48
C ALA A 105 2.42 -21.84 -6.86
N GLN A 106 1.49 -21.78 -7.82
CA GLN A 106 1.90 -21.59 -9.19
C GLN A 106 2.69 -20.28 -9.34
N VAL A 107 2.37 -19.27 -8.54
CA VAL A 107 3.09 -17.97 -8.64
C VAL A 107 4.58 -18.06 -8.40
N LEU A 108 4.98 -18.95 -7.49
CA LEU A 108 6.39 -19.21 -7.24
C LEU A 108 6.94 -20.57 -7.78
N ASN A 109 6.22 -21.23 -8.67
CA ASN A 109 6.75 -22.39 -9.38
C ASN A 109 7.87 -21.93 -10.29
N PRO A 110 9.05 -22.48 -10.11
CA PRO A 110 10.21 -21.99 -10.81
C PRO A 110 10.18 -22.25 -12.33
N ASP A 111 9.33 -23.17 -12.74
CA ASP A 111 9.22 -23.46 -14.15
C ASP A 111 8.09 -22.70 -14.83
N THR A 112 7.00 -22.39 -14.12
CA THR A 112 5.80 -21.83 -14.69
C THR A 112 5.38 -20.52 -14.05
N GLY A 113 6.02 -20.13 -12.93
CA GLY A 113 5.55 -18.95 -12.15
C GLY A 113 6.31 -17.68 -12.53
N LEU A 114 6.49 -16.79 -11.58
CA LEU A 114 7.24 -15.50 -11.83
C LEU A 114 8.59 -15.66 -12.40
N ALA A 115 9.35 -16.74 -12.01
CA ALA A 115 10.64 -16.94 -12.60
C ALA A 115 10.59 -17.25 -14.12
N ASN A 116 9.56 -17.90 -14.53
CA ASN A 116 9.34 -18.22 -15.94
C ASN A 116 8.90 -16.98 -16.75
N VAL A 117 8.14 -16.13 -16.07
CA VAL A 117 7.85 -14.78 -16.63
C VAL A 117 9.11 -14.08 -16.91
N LEU A 118 10.00 -13.98 -15.92
CA LEU A 118 11.25 -13.30 -16.11
C LEU A 118 12.18 -13.90 -17.16
N ALA A 119 12.18 -15.22 -17.30
CA ALA A 119 13.03 -15.87 -18.23
C ALA A 119 12.47 -15.68 -19.65
N ASN A 120 11.21 -15.29 -19.75
CA ASN A 120 10.56 -15.06 -21.06
C ASN A 120 10.16 -13.60 -21.24
N PHE A 121 10.95 -12.74 -20.65
CA PHE A 121 10.78 -11.30 -20.67
C PHE A 121 11.77 -10.75 -21.66
N ALA A 122 11.26 -10.42 -22.84
CA ALA A 122 12.07 -9.98 -23.97
C ALA A 122 12.22 -8.45 -24.05
N ASP A 123 13.29 -7.99 -24.71
CA ASP A 123 13.50 -6.56 -25.01
C ASP A 123 13.68 -5.74 -23.74
N ALA A 124 14.20 -6.34 -22.70
CA ALA A 124 14.30 -5.65 -21.42
C ALA A 124 15.08 -4.36 -21.53
N LYS A 125 14.52 -3.28 -21.03
CA LYS A 125 15.18 -1.98 -21.05
C LYS A 125 14.93 -1.25 -19.79
N ALA A 126 15.99 -0.79 -19.11
CA ALA A 126 15.84 0.03 -17.97
C ALA A 126 15.24 1.38 -18.30
N GLU A 127 14.17 1.75 -17.62
CA GLU A 127 13.46 3.02 -17.89
C GLU A 127 13.60 4.09 -16.84
N GLY A 128 13.84 3.70 -15.59
CA GLY A 128 13.85 4.62 -14.49
C GLY A 128 14.11 3.96 -13.18
N ARG A 129 14.08 4.74 -12.13
CA ARG A 129 14.17 4.28 -10.77
C ARG A 129 12.85 4.64 -10.02
N ASP A 130 12.39 3.75 -9.15
CA ASP A 130 11.18 3.97 -8.35
C ASP A 130 11.39 3.38 -6.97
N THR A 131 10.78 3.98 -5.94
CA THR A 131 10.68 3.34 -4.61
C THR A 131 9.54 2.35 -4.65
N ILE A 132 9.84 1.11 -4.22
CA ILE A 132 8.76 0.11 -3.95
C ILE A 132 9.02 -0.42 -2.50
N ASN A 133 8.05 -0.22 -1.62
CA ASN A 133 8.14 -0.62 -0.20
C ASN A 133 9.45 -0.19 0.46
N GLY A 134 9.82 1.04 0.18
CA GLY A 134 10.99 1.66 0.81
C GLY A 134 12.34 1.29 0.26
N GLN A 135 12.34 0.61 -0.88
CA GLN A 135 13.53 0.18 -1.49
C GLN A 135 13.65 0.78 -2.87
N ASN A 136 14.89 1.11 -3.28
CA ASN A 136 15.18 1.56 -4.62
C ASN A 136 15.16 0.39 -5.62
N THR A 137 14.41 0.56 -6.68
CA THR A 137 14.25 -0.44 -7.68
C THR A 137 14.49 0.19 -9.05
N ILE A 138 14.86 -0.63 -10.01
CA ILE A 138 14.95 -0.24 -11.39
C ILE A 138 13.69 -0.69 -12.09
N ARG A 139 13.02 0.26 -12.75
CA ARG A 139 11.84 0.01 -13.57
C ARG A 139 12.25 -0.37 -14.97
N ILE A 140 11.77 -1.51 -15.48
CA ILE A 140 12.25 -2.11 -16.67
C ILE A 140 11.08 -2.47 -17.54
N SER A 141 11.12 -2.03 -18.80
CA SER A 141 10.07 -2.45 -19.75
C SER A 141 10.47 -3.64 -20.54
N GLY A 142 9.48 -4.36 -21.01
CA GLY A 142 9.71 -5.44 -21.93
C GLY A 142 8.41 -6.13 -22.37
N LYS A 143 8.56 -7.31 -22.93
CA LYS A 143 7.42 -8.09 -23.39
C LYS A 143 7.53 -9.50 -22.95
N VAL A 144 6.46 -10.00 -22.36
CA VAL A 144 6.46 -11.39 -21.93
C VAL A 144 5.81 -12.30 -22.95
N SER A 145 6.41 -13.47 -23.19
CA SER A 145 5.80 -14.40 -24.13
C SER A 145 4.34 -14.70 -23.80
N ALA A 146 3.51 -14.91 -24.83
CA ALA A 146 2.17 -15.39 -24.61
C ALA A 146 2.12 -16.65 -23.74
N GLN A 147 3.01 -17.61 -23.99
CA GLN A 147 2.90 -18.84 -23.30
C GLN A 147 3.24 -18.65 -21.80
N ALA A 148 4.23 -17.87 -21.51
CA ALA A 148 4.54 -17.61 -20.06
C ALA A 148 3.41 -16.83 -19.40
N VAL A 149 2.75 -15.88 -20.11
CA VAL A 149 1.68 -15.18 -19.50
C VAL A 149 0.51 -16.14 -19.19
N ASN A 150 0.14 -16.96 -20.18
CA ASN A 150 -0.98 -17.82 -20.03
C ASN A 150 -0.81 -18.89 -18.92
N GLN A 151 0.43 -19.24 -18.68
CA GLN A 151 0.75 -20.30 -17.70
C GLN A 151 0.57 -19.74 -16.31
N ILE A 152 0.95 -18.47 -16.08
CA ILE A 152 0.79 -17.84 -14.74
C ILE A 152 -0.59 -17.22 -14.56
N ALA A 153 -1.20 -16.74 -15.66
CA ALA A 153 -2.45 -16.02 -15.59
C ALA A 153 -3.36 -16.44 -16.76
N PRO A 154 -3.93 -17.66 -16.69
CA PRO A 154 -4.76 -18.15 -17.82
C PRO A 154 -5.79 -17.18 -18.42
N PRO A 155 -6.52 -16.41 -17.61
CA PRO A 155 -7.51 -15.54 -18.27
C PRO A 155 -7.00 -14.49 -19.24
N PHE A 156 -5.71 -14.23 -19.31
CA PHE A 156 -5.19 -13.32 -20.32
C PHE A 156 -5.47 -13.82 -21.74
N ASN A 157 -5.40 -15.11 -21.92
CA ASN A 157 -5.66 -15.73 -23.23
C ASN A 157 -4.83 -15.03 -24.32
N ALA A 158 -3.54 -14.90 -24.08
CA ALA A 158 -2.63 -14.23 -24.99
C ALA A 158 -2.39 -15.02 -26.27
N THR A 159 -2.40 -14.37 -27.46
CA THR A 159 -1.86 -14.98 -28.65
C THR A 159 -0.66 -14.21 -29.23
N GLN A 160 -0.15 -13.27 -28.45
CA GLN A 160 0.99 -12.52 -28.80
C GLN A 160 1.78 -12.09 -27.53
N PRO A 161 2.98 -11.57 -27.70
CA PRO A 161 3.72 -11.12 -26.50
C PRO A 161 2.99 -10.01 -25.78
N VAL A 162 3.08 -9.96 -24.45
CA VAL A 162 2.35 -9.06 -23.68
C VAL A 162 3.26 -7.97 -23.11
N PRO A 163 2.99 -6.67 -23.40
CA PRO A 163 3.82 -5.63 -22.78
C PRO A 163 3.77 -5.72 -21.27
N ALA A 164 4.93 -5.47 -20.63
CA ALA A 164 5.06 -5.68 -19.21
C ALA A 164 6.06 -4.67 -18.66
N THR A 165 6.01 -4.48 -17.34
CA THR A 165 6.98 -3.69 -16.59
C THR A 165 7.36 -4.53 -15.38
N VAL A 166 8.66 -4.60 -15.11
CA VAL A 166 9.15 -5.18 -13.83
C VAL A 166 9.94 -4.19 -13.05
N TRP A 167 9.94 -4.31 -11.72
CA TRP A 167 10.75 -3.47 -10.88
C TRP A 167 11.62 -4.43 -10.06
N ILE A 168 12.91 -4.32 -10.24
CA ILE A 168 13.92 -5.18 -9.60
C ILE A 168 14.76 -4.38 -8.66
N GLN A 169 15.01 -4.92 -7.48
CA GLN A 169 15.88 -4.22 -6.49
C GLN A 169 17.19 -3.86 -7.11
N GLU A 170 17.57 -2.58 -7.02
CA GLU A 170 18.81 -2.10 -7.65
C GLU A 170 20.04 -2.72 -7.01
N THR A 171 20.00 -2.87 -5.67
CA THR A 171 21.11 -3.46 -4.91
C THR A 171 20.64 -4.70 -4.20
N GLY A 172 21.54 -5.26 -3.35
CA GLY A 172 21.08 -6.30 -2.41
C GLY A 172 20.85 -7.56 -3.20
N ASP A 173 19.72 -8.21 -2.97
CA ASP A 173 19.52 -9.49 -3.54
C ASP A 173 18.96 -9.43 -5.00
N HIS A 174 18.61 -8.24 -5.43
CA HIS A 174 17.96 -8.06 -6.72
C HIS A 174 16.69 -8.93 -6.86
N GLN A 175 15.84 -8.90 -5.84
CA GLN A 175 14.53 -9.57 -5.94
C GLN A 175 13.62 -8.80 -6.93
N LEU A 176 12.67 -9.55 -7.50
CA LEU A 176 11.53 -8.89 -8.17
C LEU A 176 10.61 -8.27 -7.19
N ALA A 177 10.53 -6.93 -7.18
CA ALA A 177 9.66 -6.24 -6.26
C ALA A 177 8.24 -6.09 -6.77
N GLN A 178 8.09 -5.91 -8.10
CA GLN A 178 6.79 -5.68 -8.68
C GLN A 178 6.81 -6.05 -10.15
N ALA A 179 5.66 -6.49 -10.61
CA ALA A 179 5.51 -6.79 -12.03
C ALA A 179 4.12 -6.45 -12.46
N GLN A 180 4.01 -6.02 -13.73
CA GLN A 180 2.73 -5.66 -14.29
C GLN A 180 2.61 -6.20 -15.71
N LEU A 181 1.48 -6.80 -16.02
CA LEU A 181 1.16 -7.31 -17.37
C LEU A 181 -0.01 -6.50 -17.91
N ASP A 182 0.18 -5.90 -19.09
CA ASP A 182 -0.75 -4.89 -19.63
C ASP A 182 -1.52 -5.54 -20.79
N ARG A 183 -2.81 -5.71 -20.63
CA ARG A 183 -3.62 -6.35 -21.66
C ARG A 183 -4.16 -5.24 -22.57
N GLY A 184 -3.68 -4.01 -22.44
CA GLY A 184 -4.08 -2.96 -23.39
C GLY A 184 -5.38 -2.31 -22.97
N SER A 185 -5.65 -1.14 -23.56
CA SER A 185 -6.63 -0.24 -23.03
C SER A 185 -6.11 0.18 -21.65
N GLY A 186 -6.93 0.14 -20.62
CA GLY A 186 -6.44 0.38 -19.24
C GLY A 186 -6.66 -0.87 -18.40
N ASN A 187 -6.49 -2.02 -19.04
CA ASN A 187 -6.69 -3.33 -18.37
C ASN A 187 -5.31 -4.04 -18.07
N SER A 188 -5.04 -4.32 -16.81
CA SER A 188 -3.72 -4.83 -16.46
C SER A 188 -3.78 -5.53 -15.06
N VAL A 189 -2.80 -6.36 -14.82
CA VAL A 189 -2.68 -7.07 -13.54
C VAL A 189 -1.30 -6.71 -13.01
N GLN A 190 -1.24 -6.36 -11.75
CA GLN A 190 0.07 -6.09 -11.15
C GLN A 190 0.25 -6.83 -9.81
N MET A 191 1.44 -7.29 -9.56
CA MET A 191 1.74 -7.93 -8.25
C MET A 191 2.94 -7.26 -7.68
N THR A 192 2.85 -6.94 -6.40
CA THR A 192 4.01 -6.47 -5.61
C THR A 192 4.40 -7.55 -4.60
N LEU A 193 5.67 -7.88 -4.54
CA LEU A 193 6.16 -8.93 -3.67
C LEU A 193 7.06 -8.29 -2.60
N SER A 194 7.01 -8.85 -1.44
CA SER A 194 7.85 -8.35 -0.30
C SER A 194 8.03 -9.49 0.70
N LYS A 195 8.78 -9.22 1.79
CA LYS A 195 8.90 -10.16 2.88
C LYS A 195 9.32 -11.58 2.47
N TRP A 196 10.24 -11.63 1.56
CA TRP A 196 10.74 -12.84 0.98
C TRP A 196 11.33 -13.72 2.05
N GLY A 197 10.86 -14.95 2.08
CA GLY A 197 11.28 -15.93 3.11
C GLY A 197 10.61 -15.81 4.43
N GLU A 198 9.59 -14.97 4.56
CA GLU A 198 8.79 -14.96 5.75
C GLU A 198 8.21 -16.37 6.09
N LYS A 199 8.05 -16.65 7.41
CA LYS A 199 7.30 -17.81 7.88
C LYS A 199 5.82 -17.56 7.73
N VAL A 200 5.11 -18.43 7.04
CA VAL A 200 3.71 -18.27 6.85
C VAL A 200 2.97 -19.14 7.85
N GLN A 201 2.08 -18.46 8.57
CA GLN A 201 2.35 -18.02 9.96
C GLN A 201 1.72 -18.71 11.20
N VAL A 202 1.24 -19.94 11.12
CA VAL A 202 1.00 -20.72 9.92
C VAL A 202 -0.22 -20.10 9.21
N THR A 203 -1.07 -20.92 8.64
CA THR A 203 -2.40 -20.47 8.24
C THR A 203 -3.28 -20.28 9.50
N HIS B 6 -29.15 11.06 10.10
CA HIS B 6 -28.80 12.49 10.20
C HIS B 6 -28.21 12.79 11.56
N HIS B 7 -29.06 12.83 12.59
CA HIS B 7 -28.68 12.47 13.96
C HIS B 7 -29.13 11.00 14.15
N GLY B 8 -29.63 10.64 15.30
CA GLY B 8 -30.03 9.26 15.41
C GLY B 8 -28.83 8.39 15.68
N PRO B 9 -29.08 7.10 15.89
CA PRO B 9 -28.10 6.31 16.61
C PRO B 9 -26.74 6.27 15.95
N LEU B 10 -25.71 6.15 16.77
CA LEU B 10 -24.32 5.97 16.29
C LEU B 10 -23.95 4.52 16.18
N PRO B 11 -23.19 4.17 15.16
CA PRO B 11 -22.64 2.78 15.13
C PRO B 11 -21.65 2.61 16.28
N ASP B 12 -21.35 1.36 16.55
CA ASP B 12 -20.32 0.93 17.47
C ASP B 12 -18.99 1.30 16.82
N ALA B 13 -18.12 2.00 17.58
CA ALA B 13 -16.82 2.40 17.06
C ALA B 13 -15.88 1.22 16.71
N LYS B 14 -15.95 0.13 17.46
CA LYS B 14 -14.92 -0.87 17.31
C LYS B 14 -14.92 -1.51 15.90
N PRO B 15 -16.05 -1.94 15.40
CA PRO B 15 -16.03 -2.53 14.08
C PRO B 15 -15.65 -1.55 13.00
N LEU B 16 -16.03 -0.28 13.20
CA LEU B 16 -15.66 0.80 12.28
C LEU B 16 -14.21 1.04 12.27
N VAL B 17 -13.57 1.04 13.44
CA VAL B 17 -12.12 1.20 13.43
C VAL B 17 -11.47 0.01 12.73
N GLU B 18 -11.97 -1.19 13.01
CA GLU B 18 -11.42 -2.37 12.39
C GLU B 18 -11.56 -2.26 10.86
N GLU B 19 -12.72 -1.84 10.40
CA GLU B 19 -12.92 -1.73 8.93
C GLU B 19 -12.04 -0.67 8.31
N ALA B 20 -11.90 0.48 8.99
CA ALA B 20 -11.03 1.52 8.49
C ALA B 20 -9.55 1.07 8.45
N THR B 21 -9.15 0.25 9.42
CA THR B 21 -7.80 -0.27 9.47
C THR B 21 -7.53 -1.06 8.21
N ALA B 22 -8.43 -2.00 7.91
CA ALA B 22 -8.28 -2.86 6.73
C ALA B 22 -8.31 -2.00 5.45
N GLN B 23 -9.25 -1.04 5.34
CA GLN B 23 -9.28 -0.13 4.18
C GLN B 23 -8.05 0.68 4.04
N THR B 24 -7.51 1.17 5.15
CA THR B 24 -6.33 1.99 5.06
C THR B 24 -5.08 1.16 4.65
N LYS B 25 -5.02 -0.10 5.07
CA LYS B 25 -3.95 -1.02 4.62
C LYS B 25 -3.99 -1.23 3.13
N ALA B 26 -5.16 -1.19 2.55
CA ALA B 26 -5.29 -1.40 1.13
C ALA B 26 -5.05 -0.15 0.28
N LEU B 27 -4.91 1.03 0.88
CA LEU B 27 -4.77 2.26 0.09
C LEU B 27 -3.47 2.34 -0.73
N LYS B 28 -3.59 2.73 -1.98
CA LYS B 28 -2.44 2.99 -2.82
C LYS B 28 -2.13 4.49 -2.78
N SER B 29 -3.15 5.33 -2.73
CA SER B 29 -2.99 6.76 -2.93
C SER B 29 -4.04 7.56 -2.19
N ALA B 30 -3.69 8.81 -1.87
CA ALA B 30 -4.60 9.75 -1.24
C ALA B 30 -4.05 11.15 -1.23
N HIS B 31 -4.96 12.11 -1.00
CA HIS B 31 -4.60 13.54 -0.76
C HIS B 31 -4.62 13.72 0.72
N MET B 32 -3.66 14.48 1.22
CA MET B 32 -3.60 14.77 2.63
C MET B 32 -3.41 16.27 2.94
N VAL B 33 -4.12 16.73 3.98
CA VAL B 33 -3.84 18.04 4.59
C VAL B 33 -3.44 17.84 6.02
N LEU B 34 -2.28 18.35 6.38
CA LEU B 34 -1.79 18.24 7.73
C LEU B 34 -1.76 19.64 8.32
N THR B 35 -2.20 19.78 9.57
CA THR B 35 -2.30 21.11 10.18
C THR B 35 -1.84 21.32 11.63
N VAL B 36 -1.91 22.61 12.05
CA VAL B 36 -0.98 23.30 13.00
C VAL B 36 -0.78 22.47 14.25
N ASN B 37 -1.63 22.50 15.29
CA ASN B 37 -2.72 23.48 15.57
C ASN B 37 -2.24 24.65 16.45
N GLY B 38 -1.60 24.32 17.58
CA GLY B 38 -0.93 25.32 18.42
C GLY B 38 0.57 25.39 18.12
N LYS B 39 1.38 24.82 19.00
CA LYS B 39 2.79 24.60 18.69
C LYS B 39 3.26 23.29 19.28
N ILE B 40 4.08 22.56 18.52
CA ILE B 40 4.71 21.30 18.98
C ILE B 40 6.23 21.34 18.76
N PRO B 41 7.02 20.91 19.77
CA PRO B 41 8.48 20.81 19.59
C PRO B 41 8.86 20.00 18.37
N GLY B 42 9.89 20.45 17.65
CA GLY B 42 10.23 19.92 16.34
C GLY B 42 9.24 20.55 15.38
N LEU B 43 8.73 19.77 14.42
CA LEU B 43 7.50 20.12 13.68
C LEU B 43 7.16 21.61 13.61
N SER B 44 8.01 22.39 12.94
CA SER B 44 7.87 23.86 12.95
C SER B 44 6.91 24.30 11.84
N LEU B 45 6.26 23.33 11.20
CA LEU B 45 5.37 23.59 10.11
C LEU B 45 3.98 23.96 10.61
N LYS B 46 3.27 24.71 9.81
CA LYS B 46 1.92 25.13 10.17
C LYS B 46 0.92 24.27 9.41
N THR B 47 1.10 24.15 8.10
CA THR B 47 0.25 23.29 7.29
C THR B 47 1.08 22.60 6.22
N LEU B 48 0.51 21.53 5.69
CA LEU B 48 1.06 20.87 4.51
C LEU B 48 -0.09 20.25 3.73
N SER B 49 0.00 20.31 2.43
CA SER B 49 -0.98 19.72 1.60
C SER B 49 -0.26 18.90 0.54
N GLY B 50 -0.73 17.68 0.25
CA GLY B 50 0.00 16.90 -0.71
C GLY B 50 -0.75 15.73 -1.24
N ASP B 51 -0.17 15.13 -2.27
CA ASP B 51 -0.70 13.94 -2.91
C ASP B 51 0.34 12.85 -2.80
N LEU B 52 -0.13 11.68 -2.39
CA LEU B 52 0.71 10.57 -1.98
C LEU B 52 0.33 9.35 -2.80
N THR B 53 1.32 8.65 -3.34
CA THR B 53 1.03 7.36 -3.98
C THR B 53 2.10 6.41 -3.55
N THR B 54 1.82 5.12 -3.69
CA THR B 54 2.73 4.08 -3.18
C THR B 54 2.94 3.02 -4.28
N ASN B 55 4.17 2.51 -4.31
CA ASN B 55 4.54 1.42 -5.24
C ASN B 55 4.10 1.56 -6.64
N PRO B 56 4.69 2.53 -7.37
CA PRO B 56 5.82 3.39 -6.94
C PRO B 56 5.45 4.54 -6.01
N THR B 57 6.36 4.80 -5.05
CA THR B 57 6.05 5.64 -3.91
C THR B 57 6.59 7.04 -4.09
N ALA B 58 5.69 8.02 -4.07
CA ALA B 58 6.05 9.38 -4.34
C ALA B 58 5.10 10.32 -3.63
N ALA B 59 5.51 11.57 -3.51
CA ALA B 59 4.65 12.59 -2.88
C ALA B 59 4.96 13.98 -3.44
N THR B 60 3.95 14.80 -3.59
CA THR B 60 4.15 16.15 -4.09
C THR B 60 3.20 17.01 -3.33
N GLY B 61 3.56 18.26 -3.17
CA GLY B 61 2.65 19.22 -2.55
C GLY B 61 3.34 20.48 -2.13
N ASN B 62 2.79 21.09 -1.08
CA ASN B 62 3.34 22.33 -0.53
C ASN B 62 3.27 22.38 0.95
N VAL B 63 4.17 23.17 1.51
CA VAL B 63 4.27 23.22 2.93
C VAL B 63 4.45 24.70 3.33
N LYS B 64 3.89 25.06 4.46
CA LYS B 64 4.18 26.33 5.10
C LYS B 64 4.89 26.03 6.38
N LEU B 65 6.12 26.50 6.49
CA LEU B 65 6.93 26.17 7.65
C LEU B 65 7.30 27.44 8.32
N THR B 66 7.76 27.33 9.57
CA THR B 66 8.27 28.44 10.32
C THR B 66 9.79 28.28 10.56
N LEU B 67 10.57 29.29 10.22
CA LEU B 67 12.02 29.27 10.42
C LEU B 67 12.29 30.53 11.21
N GLY B 68 12.44 30.37 12.52
CA GLY B 68 12.78 31.48 13.42
C GLY B 68 11.93 32.74 13.28
N GLY B 69 10.66 32.64 13.63
CA GLY B 69 9.73 33.78 13.57
C GLY B 69 9.33 34.24 12.17
N SER B 70 9.89 33.63 11.13
CA SER B 70 9.45 33.87 9.75
C SER B 70 8.75 32.59 9.23
N ASP B 71 7.59 32.75 8.60
CA ASP B 71 6.96 31.70 7.77
C ASP B 71 7.58 31.63 6.33
N ILE B 72 7.81 30.40 5.81
CA ILE B 72 8.23 30.17 4.38
C ILE B 72 7.23 29.25 3.68
N ASP B 73 6.78 29.61 2.49
CA ASP B 73 5.94 28.68 1.71
C ASP B 73 6.89 27.94 0.77
N ALA B 74 6.81 26.62 0.71
CA ALA B 74 7.68 25.87 -0.19
C ALA B 74 6.88 24.78 -0.90
N ASP B 75 7.20 24.49 -2.17
CA ASP B 75 6.73 23.26 -2.81
C ASP B 75 7.67 22.13 -2.45
N PHE B 76 7.20 20.87 -2.52
CA PHE B 76 8.06 19.74 -2.23
C PHE B 76 7.73 18.56 -3.11
N VAL B 77 8.75 17.71 -3.32
CA VAL B 77 8.59 16.43 -4.00
C VAL B 77 9.39 15.40 -3.26
N VAL B 78 8.83 14.18 -3.14
CA VAL B 78 9.60 13.03 -2.71
C VAL B 78 9.55 12.06 -3.86
N PHE B 79 10.72 11.74 -4.40
CA PHE B 79 10.88 10.82 -5.55
C PHE B 79 12.06 9.94 -5.16
N ASP B 80 11.89 8.61 -5.25
CA ASP B 80 12.99 7.69 -4.98
C ASP B 80 13.58 7.83 -3.59
N GLY B 81 12.75 8.10 -2.59
CA GLY B 81 13.24 8.30 -1.25
C GLY B 81 13.94 9.59 -0.89
N ILE B 82 14.07 10.50 -1.86
CA ILE B 82 14.77 11.78 -1.68
C ILE B 82 13.78 12.98 -1.61
N LEU B 83 14.00 13.85 -0.64
CA LEU B 83 13.18 15.02 -0.48
C LEU B 83 13.80 16.21 -1.21
N TYR B 84 13.00 16.81 -2.09
CA TYR B 84 13.38 18.11 -2.73
C TYR B 84 12.35 19.17 -2.33
N ALA B 85 12.79 20.43 -2.24
CA ALA B 85 11.88 21.51 -1.92
C ALA B 85 12.39 22.84 -2.43
N THR B 86 11.47 23.77 -2.60
CA THR B 86 11.83 25.11 -3.10
C THR B 86 11.84 26.11 -1.96
N LEU B 87 12.99 26.25 -1.36
CA LEU B 87 13.32 27.22 -0.30
C LEU B 87 13.22 28.67 -0.81
N THR B 88 13.59 28.87 -2.06
CA THR B 88 13.21 30.09 -2.78
C THR B 88 12.41 29.69 -4.03
N PRO B 89 11.57 30.58 -4.55
CA PRO B 89 10.62 30.23 -5.60
C PRO B 89 11.27 29.66 -6.89
N ASN B 90 10.74 28.54 -7.34
CA ASN B 90 11.13 27.80 -8.58
C ASN B 90 12.58 27.36 -8.55
N GLN B 91 13.14 27.31 -7.35
CA GLN B 91 14.51 26.87 -7.15
C GLN B 91 14.52 25.59 -6.31
N TRP B 92 14.74 24.45 -6.97
CA TRP B 92 14.65 23.14 -6.29
C TRP B 92 15.94 22.85 -5.58
N SER B 93 15.89 22.61 -4.27
CA SER B 93 17.04 22.03 -3.55
C SER B 93 16.83 20.55 -3.15
N ASP B 94 17.91 19.79 -3.12
CA ASP B 94 17.93 18.36 -2.73
C ASP B 94 18.26 18.26 -1.24
N PHE B 95 17.33 17.72 -0.42
CA PHE B 95 17.53 17.70 1.05
C PHE B 95 17.89 16.30 1.58
N GLY B 96 18.30 15.43 0.66
CA GLY B 96 18.68 14.07 0.98
C GLY B 96 17.46 13.19 1.31
N PRO B 97 17.72 12.04 1.92
CA PRO B 97 16.67 11.10 2.33
C PRO B 97 15.50 11.76 3.03
N ALA B 98 14.30 11.52 2.50
CA ALA B 98 13.08 12.14 3.02
C ALA B 98 12.82 11.79 4.49
N ALA B 99 13.16 10.55 4.81
CA ALA B 99 12.97 10.00 6.17
C ALA B 99 13.69 10.82 7.23
N ASP B 100 14.78 11.47 6.87
CA ASP B 100 15.53 12.23 7.86
C ASP B 100 14.90 13.56 8.18
N ILE B 101 14.00 14.06 7.33
CA ILE B 101 13.29 15.30 7.62
C ILE B 101 11.82 15.01 7.90
N TYR B 102 11.05 14.71 6.85
CA TYR B 102 9.68 14.23 7.02
C TYR B 102 9.31 13.62 5.66
N ASP B 103 8.83 12.40 5.67
CA ASP B 103 8.45 11.74 4.43
C ASP B 103 6.92 11.59 4.38
N PRO B 104 6.22 12.53 3.74
CA PRO B 104 4.77 12.49 3.83
C PRO B 104 4.15 11.18 3.27
N ALA B 105 4.84 10.49 2.37
CA ALA B 105 4.26 9.24 1.83
C ALA B 105 4.15 8.16 2.88
N GLN B 106 4.92 8.29 3.94
CA GLN B 106 5.04 7.19 4.92
C GLN B 106 3.70 7.01 5.72
N VAL B 107 2.83 7.99 5.60
CA VAL B 107 1.49 7.89 6.17
C VAL B 107 0.72 6.67 5.63
N LEU B 108 1.04 6.26 4.40
CA LEU B 108 0.43 5.05 3.84
C LEU B 108 1.26 3.76 3.97
N ASN B 109 2.32 3.76 4.73
CA ASN B 109 2.99 2.50 5.05
C ASN B 109 2.09 1.66 5.98
N PRO B 110 1.74 0.42 5.57
CA PRO B 110 0.70 -0.29 6.32
C PRO B 110 1.17 -0.80 7.67
N ASP B 111 2.48 -0.88 7.83
CA ASP B 111 3.04 -1.44 9.05
C ASP B 111 3.34 -0.33 10.02
N THR B 112 3.59 0.91 9.55
CA THR B 112 4.03 2.04 10.39
C THR B 112 3.19 3.37 10.28
N GLY B 113 2.30 3.41 9.30
CA GLY B 113 1.59 4.69 8.99
C GLY B 113 0.22 4.72 9.65
N LEU B 114 -0.76 5.36 8.98
CA LEU B 114 -2.12 5.43 9.52
C LEU B 114 -2.75 4.15 9.87
N ALA B 115 -2.49 3.06 9.11
CA ALA B 115 -3.10 1.80 9.47
C ALA B 115 -2.60 1.27 10.81
N ASN B 116 -1.36 1.54 11.10
CA ASN B 116 -0.79 1.15 12.38
C ASN B 116 -1.33 1.97 13.56
N VAL B 117 -1.55 3.24 13.31
CA VAL B 117 -2.24 4.11 14.28
C VAL B 117 -3.57 3.53 14.61
N LEU B 118 -4.35 3.20 13.59
CA LEU B 118 -5.65 2.61 13.82
C LEU B 118 -5.65 1.27 14.54
N ALA B 119 -4.66 0.44 14.27
CA ALA B 119 -4.57 -0.87 14.88
C ALA B 119 -4.16 -0.71 16.38
N ASN B 120 -3.58 0.41 16.70
CA ASN B 120 -3.13 0.72 18.08
C ASN B 120 -3.95 1.84 18.75
N PHE B 121 -5.19 1.90 18.32
CA PHE B 121 -6.16 2.92 18.79
C PHE B 121 -7.10 2.26 19.75
N ALA B 122 -6.84 2.49 21.04
CA ALA B 122 -7.49 1.81 22.10
C ALA B 122 -8.69 2.59 22.61
N ASP B 123 -9.64 1.90 23.22
CA ASP B 123 -10.77 2.49 23.97
C ASP B 123 -11.71 3.25 23.06
N ALA B 124 -11.82 2.79 21.81
CA ALA B 124 -12.57 3.51 20.84
C ALA B 124 -14.00 3.68 21.32
N LYS B 125 -14.51 4.93 21.25
CA LYS B 125 -15.91 5.23 21.53
C LYS B 125 -16.50 6.26 20.59
N ALA B 126 -17.63 5.92 19.93
CA ALA B 126 -18.28 6.89 19.03
C ALA B 126 -18.88 8.06 19.78
N GLU B 127 -18.50 9.27 19.40
CA GLU B 127 -18.90 10.44 20.18
C GLU B 127 -19.94 11.24 19.48
N GLY B 128 -19.99 11.18 18.17
CA GLY B 128 -20.81 12.09 17.40
C GLY B 128 -20.60 11.93 15.94
N ARG B 129 -21.23 12.80 15.17
CA ARG B 129 -21.10 12.86 13.70
C ARG B 129 -20.62 14.22 13.29
N ASP B 130 -19.78 14.24 12.26
CA ASP B 130 -19.27 15.47 11.73
C ASP B 130 -19.19 15.31 10.24
N THR B 131 -19.41 16.43 9.56
CA THR B 131 -19.18 16.49 8.14
C THR B 131 -17.72 16.86 7.89
N ILE B 132 -17.05 16.02 7.11
CA ILE B 132 -15.65 16.26 6.70
C ILE B 132 -15.68 16.32 5.15
N ASN B 133 -15.27 17.47 4.60
CA ASN B 133 -15.32 17.72 3.16
C ASN B 133 -16.68 17.30 2.63
N GLY B 134 -17.74 17.66 3.35
CA GLY B 134 -19.10 17.29 2.93
C GLY B 134 -19.59 15.87 3.06
N GLN B 135 -18.81 14.98 3.66
CA GLN B 135 -19.20 13.58 3.82
C GLN B 135 -19.48 13.36 5.29
N ASN B 136 -20.45 12.51 5.58
CA ASN B 136 -20.77 12.11 6.94
C ASN B 136 -19.72 11.15 7.49
N THR B 137 -19.25 11.49 8.69
CA THR B 137 -18.26 10.68 9.38
C THR B 137 -18.67 10.49 10.82
N ILE B 138 -18.21 9.41 11.41
CA ILE B 138 -18.38 9.17 12.83
C ILE B 138 -17.14 9.65 13.53
N ARG B 139 -17.31 10.57 14.47
CA ARG B 139 -16.22 11.07 15.35
C ARG B 139 -16.01 10.14 16.54
N ILE B 140 -14.76 9.66 16.73
CA ILE B 140 -14.47 8.55 17.62
C ILE B 140 -13.30 8.92 18.47
N SER B 141 -13.48 8.85 19.78
CA SER B 141 -12.37 9.08 20.69
C SER B 141 -11.66 7.81 21.03
N GLY B 142 -10.38 7.97 21.42
CA GLY B 142 -9.62 6.88 21.92
C GLY B 142 -8.18 7.31 22.31
N LYS B 143 -7.31 6.30 22.47
CA LYS B 143 -5.91 6.53 22.81
C LYS B 143 -5.05 5.72 21.91
N VAL B 144 -4.04 6.37 21.35
CA VAL B 144 -3.09 5.68 20.50
C VAL B 144 -1.83 5.35 21.30
N SER B 145 -1.29 4.14 21.10
CA SER B 145 -0.02 3.79 21.74
C SER B 145 1.12 4.81 21.47
N ALA B 146 1.96 5.02 22.49
CA ALA B 146 3.10 5.94 22.32
C ALA B 146 3.94 5.61 21.08
N GLN B 147 4.21 4.33 20.89
CA GLN B 147 5.07 3.92 19.81
C GLN B 147 4.45 4.19 18.43
N ALA B 148 3.16 3.94 18.28
CA ALA B 148 2.51 4.21 17.01
C ALA B 148 2.50 5.69 16.71
N VAL B 149 2.32 6.52 17.75
CA VAL B 149 2.36 7.92 17.51
C VAL B 149 3.74 8.37 17.00
N ASN B 150 4.77 7.82 17.60
CA ASN B 150 6.14 8.23 17.25
C ASN B 150 6.51 7.95 15.80
N GLN B 151 5.88 6.93 15.25
CA GLN B 151 6.24 6.48 13.93
C GLN B 151 5.62 7.35 12.90
N ILE B 152 4.42 7.82 13.16
CA ILE B 152 3.83 8.74 12.24
C ILE B 152 4.17 10.21 12.53
N ALA B 153 4.57 10.50 13.76
CA ALA B 153 4.94 11.87 14.11
C ALA B 153 6.11 11.85 15.11
N PRO B 154 7.36 11.68 14.61
CA PRO B 154 8.53 11.52 15.55
C PRO B 154 8.71 12.65 16.60
N PRO B 155 8.52 13.94 16.23
CA PRO B 155 8.59 15.00 17.27
C PRO B 155 7.67 14.90 18.51
N PHE B 156 6.70 13.98 18.52
CA PHE B 156 5.91 13.75 19.72
C PHE B 156 6.69 13.18 20.89
N ASN B 157 7.56 12.24 20.60
CA ASN B 157 8.24 11.53 21.67
C ASN B 157 7.36 11.09 22.86
N ALA B 158 6.08 10.79 22.66
CA ALA B 158 5.40 9.71 23.35
C ALA B 158 5.45 9.46 24.88
N THR B 159 6.15 8.39 25.25
CA THR B 159 6.21 7.70 26.57
C THR B 159 4.92 7.10 27.16
N GLN B 160 3.75 7.72 26.94
CA GLN B 160 2.44 7.20 27.42
C GLN B 160 1.36 7.30 26.32
N PRO B 161 0.28 6.51 26.42
CA PRO B 161 -0.71 6.55 25.32
C PRO B 161 -1.20 7.95 25.08
N VAL B 162 -1.49 8.28 23.83
CA VAL B 162 -1.84 9.62 23.46
C VAL B 162 -3.31 9.74 23.15
N PRO B 163 -4.01 10.68 23.81
CA PRO B 163 -5.43 10.83 23.47
C PRO B 163 -5.61 11.32 22.02
N ALA B 164 -6.62 10.80 21.34
CA ALA B 164 -6.78 11.01 19.90
C ALA B 164 -8.26 10.97 19.53
N THR B 165 -8.56 11.52 18.37
CA THR B 165 -9.83 11.47 17.77
C THR B 165 -9.63 11.01 16.33
N VAL B 166 -10.47 10.07 15.87
CA VAL B 166 -10.54 9.77 14.42
C VAL B 166 -11.97 10.01 13.90
N TRP B 167 -12.06 10.33 12.63
CA TRP B 167 -13.30 10.44 11.96
C TRP B 167 -13.29 9.43 10.83
N ILE B 168 -14.25 8.52 10.83
CA ILE B 168 -14.37 7.46 9.84
C ILE B 168 -15.65 7.61 9.07
N GLN B 169 -15.57 7.44 7.73
CA GLN B 169 -16.78 7.50 6.90
C GLN B 169 -17.88 6.55 7.44
N GLU B 170 -19.10 7.07 7.57
CA GLU B 170 -20.18 6.27 8.18
C GLU B 170 -20.63 5.16 7.26
N THR B 171 -20.62 5.46 5.96
CA THR B 171 -21.05 4.52 4.94
C THR B 171 -19.93 4.22 3.94
N GLY B 172 -20.25 3.48 2.89
CA GLY B 172 -19.33 3.32 1.76
C GLY B 172 -18.14 2.48 2.19
N ASP B 173 -16.93 2.95 1.91
CA ASP B 173 -15.76 2.15 2.18
C ASP B 173 -15.22 2.33 3.61
N HIS B 174 -15.81 3.26 4.38
CA HIS B 174 -15.36 3.49 5.74
C HIS B 174 -13.88 3.85 5.78
N GLN B 175 -13.50 4.78 4.91
CA GLN B 175 -12.15 5.30 4.99
C GLN B 175 -11.93 6.20 6.22
N LEU B 176 -10.67 6.30 6.61
CA LEU B 176 -10.30 7.30 7.63
C LEU B 176 -10.29 8.66 7.00
N ALA B 177 -11.18 9.54 7.41
CA ALA B 177 -11.26 10.89 6.86
C ALA B 177 -10.39 11.89 7.60
N GLN B 178 -10.15 11.67 8.89
CA GLN B 178 -9.36 12.59 9.67
C GLN B 178 -8.89 11.95 10.92
N ALA B 179 -7.74 12.41 11.39
CA ALA B 179 -7.22 11.97 12.65
C ALA B 179 -6.57 13.17 13.36
N GLN B 180 -6.65 13.16 14.68
CA GLN B 180 -6.05 14.22 15.50
C GLN B 180 -5.41 13.62 16.71
N LEU B 181 -4.17 14.04 17.01
CA LEU B 181 -3.40 13.52 18.15
C LEU B 181 -3.10 14.70 19.05
N ASP B 182 -3.46 14.58 20.33
CA ASP B 182 -3.37 15.74 21.26
C ASP B 182 -2.23 15.51 22.24
N ARG B 183 -1.24 16.39 22.15
CA ARG B 183 -0.02 16.34 22.98
C ARG B 183 -0.23 17.09 24.29
N GLY B 184 -1.41 17.66 24.48
CA GLY B 184 -1.72 18.39 25.69
C GLY B 184 -1.64 19.90 25.54
N SER B 185 -2.29 20.60 26.46
CA SER B 185 -2.62 22.00 26.30
C SER B 185 -3.59 22.13 25.11
N GLY B 186 -3.38 23.09 24.21
CA GLY B 186 -4.15 23.21 22.96
C GLY B 186 -3.22 22.91 21.80
N ASN B 187 -2.35 21.92 22.02
CA ASN B 187 -1.41 21.45 21.04
C ASN B 187 -1.84 20.12 20.43
N SER B 188 -2.03 20.13 19.12
CA SER B 188 -2.43 18.92 18.43
C SER B 188 -2.04 18.97 16.96
N VAL B 189 -1.92 17.78 16.38
CA VAL B 189 -1.61 17.63 14.97
C VAL B 189 -2.80 16.89 14.36
N GLN B 190 -3.31 17.42 13.25
CA GLN B 190 -4.42 16.77 12.60
C GLN B 190 -4.14 16.52 11.13
N MET B 191 -4.59 15.38 10.66
CA MET B 191 -4.49 15.07 9.28
C MET B 191 -5.86 14.73 8.72
N THR B 192 -6.18 15.31 7.58
CA THR B 192 -7.40 15.08 6.87
C THR B 192 -7.07 14.41 5.52
N LEU B 193 -7.77 13.31 5.22
CA LEU B 193 -7.49 12.51 4.00
C LEU B 193 -8.64 12.63 3.05
N SER B 194 -8.31 12.58 1.78
CA SER B 194 -9.31 12.62 0.74
C SER B 194 -8.82 12.01 -0.53
N LYS B 195 -9.72 11.88 -1.51
CA LYS B 195 -9.33 11.42 -2.83
C LYS B 195 -8.62 10.07 -2.86
N TRP B 196 -9.08 9.17 -2.00
CA TRP B 196 -8.51 7.84 -1.89
C TRP B 196 -8.53 7.14 -3.24
N GLY B 197 -7.40 6.61 -3.65
CA GLY B 197 -7.20 6.02 -4.99
C GLY B 197 -7.06 6.98 -6.17
N GLU B 198 -6.96 8.29 -5.95
CA GLU B 198 -6.62 9.22 -7.00
C GLU B 198 -5.34 8.85 -7.70
N LYS B 199 -5.19 9.38 -8.90
CA LYS B 199 -4.00 9.10 -9.73
C LYS B 199 -2.81 9.99 -9.41
C10 4RF C . -15.82 -20.39 -9.00
C13 4RF C . -14.72 -21.25 -12.64
C15 4RF C . -15.72 -19.97 -14.68
C20 4RF C . -15.13 -16.86 -12.47
C22 4RF C . -14.64 -16.01 -10.22
C24 4RF C . -14.66 -16.90 -8.96
C26 4RF C . -12.24 -16.28 -8.16
C28 4RF C . -9.73 -15.87 -7.86
C01 4RF C . -10.24 -16.56 -3.40
C02 4RF C . -11.65 -16.78 -2.78
C03 4RF C . -12.58 -17.44 -3.84
C04 4RF C . -13.78 -18.19 -3.22
C05 4RF C . -15.08 -18.07 -4.05
C06 4RF C . -15.10 -19.11 -5.22
C07 4RF C . -16.43 -19.92 -5.35
C08 4RF C . -17.06 -19.91 -6.81
C09 4RF C . -16.51 -21.04 -7.75
C11 4RF C . -15.41 -21.38 -10.14
C12 4RF C . -14.51 -20.68 -11.20
C14 4RF C . -14.47 -20.21 -13.78
C16 4RF C . -15.92 -18.52 -15.29
O17 4RF C . -16.97 -18.25 -15.84
O18 4RF C . -15.24 -17.35 -14.76
C19 4RF C . -15.97 -16.66 -13.72
O21 4RF C . -15.59 -16.15 -11.30
O23 4RF C . -13.89 -15.04 -10.20
C25 4RF C . -13.22 -17.40 -8.65
C27 4RF C . -10.81 -16.88 -8.26
C29 4RF C . -8.36 -16.51 -8.19
C30 4RF C . -7.29 -16.07 -7.19
C31 4RF C . -5.94 -15.75 -7.84
C32 4RF C . -4.84 -16.29 -6.95
C33 4RF C . -3.45 -15.98 -7.47
C34 4RF C . -2.81 -14.79 -6.76
C35 4RF C . -1.60 -15.21 -5.94
C36 4RF C . -2.01 -15.80 -4.61
C37 4RF C . -1.02 -15.30 -3.55
C38 4RF C . -1.36 -15.78 -2.16
C39 4RF C . -13.73 -16.44 -12.89
O40 4RF C . -12.82 -17.26 -12.13
C41 4RF C . -11.64 -16.53 -11.76
O42 4RF C . -11.81 -15.40 -11.30
C43 4RF C . -10.35 -16.81 -12.58
C44 4RF C . -9.98 -18.28 -12.49
C45 4RF C . -8.72 -18.33 -11.62
C46 4RF C . -7.55 -17.71 -12.40
C47 4RF C . -6.83 -16.66 -11.52
C48 4RF C . -5.74 -16.01 -12.37
C49 4RF C . -4.39 -15.83 -11.65
C50 4RF C . -4.18 -14.33 -11.35
C51 4RF C . -2.76 -13.89 -11.76
C52 4RF C . -1.76 -14.32 -10.67
C53 4RF C . -0.35 -13.82 -10.94
C54 4RF C . -0.28 -12.52 -11.75
C55 4RF C . 1.11 -11.99 -11.68
C56 4RF C . 1.19 -10.74 -12.51
C57 4RF C . 2.59 -10.39 -12.80
#